data_5HZD
#
_entry.id   5HZD
#
_cell.length_a   129.800
_cell.length_b   58.130
_cell.length_c   66.640
_cell.angle_alpha   90.000
_cell.angle_beta   90.000
_cell.angle_gamma   90.000
#
_symmetry.space_group_name_H-M   'P 21 21 2'
#
loop_
_entity.id
_entity.type
_entity.pdbx_description
1 polymer "3' terminal uridylyl transferase"
2 non-polymer 'ZINC ION'
3 non-polymer 'SULFATE ION'
4 non-polymer 'CHLORIDE ION'
5 water water
#
_entity_poly.entity_id   1
_entity_poly.type   'polypeptide(L)'
_entity_poly.pdbx_seq_one_letter_code
;MGVRLYSCDACPHAVFTTHAALLAHAEEHHADLLPDHARLRRIAQKLNPVWNRALNARRNTITSWGKKIFHVAAQRDAGE
SKMQEAHRARAQLECVVRRWHDKARVFIFGSSVAMGVWDGTADIDFAVVDVDAMERGSWPPLEKNAVRSITELLRRVGFS
FVNLEPISHARVPIIKHHASSPILTVARRDAEDVVARSIRFILNGPATREDRLLLEGSVRDAVGPTGVQQVWWNRTSDMM
SATLESTTAAVRAAMCSPALASASLRTKVQPAHDECRPELYNIDFDLSFRAFGIRNSTLLRKYLLSHPCARPGAIVLKDW
SKTSGVNNSVNGYFTSYAINIMWIYYLVQKGYVPYVDPLEIPESLVNYTDFDPRYTPMIDPEITNTEREELYKAAGDMLV
GFFYFYSFEFDWGHNVISLNRPGITTKRMLGWHVEDVVPVASTSVSSGGGGSNVKRHPTRYELCIEDPYEENLNLGRHIG
VTKSLRVRTELYRGLLSLLKEGETRSCVFAAA
;
_entity_poly.pdbx_strand_id   A
#
loop_
_chem_comp.id
_chem_comp.type
_chem_comp.name
_chem_comp.formula
CL non-polymer 'CHLORIDE ION' 'Cl -1'
SO4 non-polymer 'SULFATE ION' 'O4 S -2'
ZN non-polymer 'ZINC ION' 'Zn 2'
#
# COMPACT_ATOMS: atom_id res chain seq x y z
N VAL A 3 16.45 24.64 -27.19
CA VAL A 3 15.74 23.95 -28.27
C VAL A 3 15.89 22.43 -28.14
N ARG A 4 14.83 21.70 -28.49
CA ARG A 4 14.87 20.23 -28.35
C ARG A 4 13.79 19.55 -29.19
N LEU A 5 13.92 18.23 -29.29
CA LEU A 5 12.92 17.38 -29.92
C LEU A 5 11.78 16.97 -28.98
N TYR A 6 10.58 16.92 -29.54
CA TYR A 6 9.40 16.41 -28.86
C TYR A 6 8.79 15.39 -29.81
N SER A 7 8.35 14.27 -29.27
CA SER A 7 7.76 13.26 -30.12
C SER A 7 6.40 12.84 -29.56
N CYS A 8 5.50 12.53 -30.50
CA CYS A 8 4.16 12.03 -30.18
C CYS A 8 4.22 10.60 -29.65
N ASP A 9 3.34 10.27 -28.68
CA ASP A 9 3.25 8.92 -28.12
C ASP A 9 2.12 8.10 -28.76
N ALA A 10 1.45 8.64 -29.77
CA ALA A 10 0.26 8.01 -30.35
C ALA A 10 0.43 7.72 -31.83
N CYS A 11 1.50 8.22 -32.44
CA CYS A 11 1.86 7.80 -33.78
C CYS A 11 3.37 7.77 -33.84
N PRO A 12 3.93 6.97 -34.76
CA PRO A 12 5.36 6.73 -34.66
C PRO A 12 6.21 7.75 -35.40
N HIS A 13 5.60 8.72 -36.07
CA HIS A 13 6.34 9.57 -37.00
C HIS A 13 6.41 11.07 -36.66
N ALA A 14 5.61 11.51 -35.69
CA ALA A 14 5.45 12.94 -35.51
C ALA A 14 6.44 13.50 -34.47
N VAL A 15 7.39 14.30 -34.97
CA VAL A 15 8.36 14.94 -34.10
CA VAL A 15 8.39 14.94 -34.12
C VAL A 15 8.34 16.45 -34.33
N PHE A 16 8.52 17.19 -33.24
CA PHE A 16 8.43 18.63 -33.33
C PHE A 16 9.56 19.28 -32.59
N THR A 17 9.75 20.57 -32.85
CA THR A 17 10.81 21.30 -32.17
C THR A 17 10.30 22.24 -31.09
N THR A 18 8.97 22.28 -30.89
CA THR A 18 8.37 23.03 -29.79
C THR A 18 7.30 22.24 -29.08
N HIS A 19 7.15 22.50 -27.78
CA HIS A 19 6.10 21.86 -27.03
C HIS A 19 4.72 22.25 -27.52
N ALA A 20 4.54 23.52 -27.89
CA ALA A 20 3.27 24.01 -28.42
C ALA A 20 2.84 23.18 -29.62
N ALA A 21 3.80 22.88 -30.48
CA ALA A 21 3.49 22.13 -31.70
C ALA A 21 3.10 20.69 -31.35
N LEU A 22 3.76 20.13 -30.34
CA LEU A 22 3.43 18.79 -29.88
C LEU A 22 2.00 18.74 -29.33
N LEU A 23 1.64 19.71 -28.51
CA LEU A 23 0.32 19.72 -27.87
C LEU A 23 -0.76 19.93 -28.94
N ALA A 24 -0.52 20.86 -29.85
CA ALA A 24 -1.44 21.09 -30.96
C ALA A 24 -1.61 19.84 -31.80
N HIS A 25 -0.53 19.11 -32.03
CA HIS A 25 -0.62 17.88 -32.81
C HIS A 25 -1.52 16.87 -32.07
N ALA A 26 -1.35 16.79 -30.76
CA ALA A 26 -2.15 15.84 -29.95
C ALA A 26 -3.66 16.10 -30.07
N GLU A 27 -4.11 17.34 -29.95
CA GLU A 27 -5.52 17.66 -30.13
CA GLU A 27 -5.53 17.63 -30.11
C GLU A 27 -6.00 17.47 -31.57
N GLU A 28 -5.20 17.97 -32.51
CA GLU A 28 -5.62 17.92 -33.92
C GLU A 28 -5.66 16.52 -34.54
N HIS A 29 -4.71 15.67 -34.18
CA HIS A 29 -4.62 14.34 -34.79
C HIS A 29 -5.10 13.22 -33.88
N HIS A 30 -5.18 13.48 -32.58
CA HIS A 30 -5.51 12.41 -31.65
C HIS A 30 -6.64 12.74 -30.73
N ALA A 31 -7.58 13.56 -31.21
CA ALA A 31 -8.70 13.92 -30.35
C ALA A 31 -9.49 12.69 -29.93
N ASP A 32 -9.48 11.63 -30.74
CA ASP A 32 -10.12 10.36 -30.33
C ASP A 32 -9.53 9.76 -29.05
N LEU A 33 -8.29 10.11 -28.73
CA LEU A 33 -7.62 9.56 -27.55
CA LEU A 33 -7.64 9.56 -27.56
C LEU A 33 -7.88 10.42 -26.32
N LEU A 34 -8.27 11.66 -26.54
CA LEU A 34 -8.50 12.58 -25.45
C LEU A 34 -9.77 13.37 -25.74
N PRO A 35 -10.91 12.66 -25.88
CA PRO A 35 -12.12 13.26 -26.45
C PRO A 35 -12.76 14.38 -25.62
N ASP A 36 -12.49 14.42 -24.32
CA ASP A 36 -13.13 15.43 -23.48
C ASP A 36 -12.18 16.53 -23.07
N HIS A 37 -10.92 16.45 -23.50
CA HIS A 37 -9.92 17.41 -23.03
C HIS A 37 -10.27 18.86 -23.35
N ALA A 38 -10.42 19.18 -24.62
CA ALA A 38 -10.63 20.57 -25.03
C ALA A 38 -11.90 21.15 -24.42
N ARG A 39 -12.94 20.33 -24.36
CA ARG A 39 -14.24 20.71 -23.84
C ARG A 39 -14.24 21.01 -22.34
N LEU A 40 -13.67 20.12 -21.56
CA LEU A 40 -13.64 20.36 -20.11
C LEU A 40 -12.66 21.48 -19.76
N ARG A 41 -11.57 21.58 -20.53
CA ARG A 41 -10.62 22.67 -20.34
C ARG A 41 -11.31 24.00 -20.54
N ARG A 42 -12.12 24.07 -21.58
CA ARG A 42 -12.85 25.31 -21.86
C ARG A 42 -13.82 25.67 -20.75
N ILE A 43 -14.57 24.67 -20.25
CA ILE A 43 -15.49 24.91 -19.13
C ILE A 43 -14.74 25.41 -17.90
N ALA A 44 -13.65 24.74 -17.54
CA ALA A 44 -12.90 25.15 -16.35
C ALA A 44 -12.26 26.52 -16.54
N GLN A 45 -11.82 26.82 -17.77
CA GLN A 45 -11.24 28.15 -18.06
C GLN A 45 -12.22 29.30 -17.91
N LYS A 46 -13.51 29.02 -18.07
CA LYS A 46 -14.52 30.06 -17.85
C LYS A 46 -14.57 30.42 -16.37
N LEU A 47 -14.36 29.42 -15.52
CA LEU A 47 -14.42 29.60 -14.07
C LEU A 47 -13.21 30.33 -13.48
N ASN A 48 -12.06 30.20 -14.15
CA ASN A 48 -10.84 30.76 -13.61
C ASN A 48 -10.86 32.27 -13.29
N PRO A 49 -11.28 33.13 -14.24
CA PRO A 49 -11.30 34.55 -13.88
C PRO A 49 -12.30 34.91 -12.78
N VAL A 50 -13.22 34.01 -12.46
CA VAL A 50 -14.22 34.26 -11.42
C VAL A 50 -14.11 33.22 -10.31
N TRP A 51 -12.92 32.67 -10.12
CA TRP A 51 -12.74 31.59 -9.16
C TRP A 51 -13.17 31.90 -7.73
N ASN A 52 -12.75 33.04 -7.19
CA ASN A 52 -13.17 33.34 -5.82
C ASN A 52 -14.68 33.47 -5.70
N ARG A 53 -15.30 34.09 -6.69
CA ARG A 53 -16.75 34.19 -6.74
C ARG A 53 -17.40 32.80 -6.75
N ALA A 54 -16.80 31.88 -7.50
CA ALA A 54 -17.34 30.52 -7.62
C ALA A 54 -17.22 29.82 -6.27
N LEU A 55 -16.04 29.90 -5.65
CA LEU A 55 -15.86 29.31 -4.33
C LEU A 55 -16.85 29.83 -3.32
N ASN A 56 -17.13 31.13 -3.38
CA ASN A 56 -18.07 31.70 -2.44
C ASN A 56 -19.48 31.17 -2.69
N ALA A 57 -19.90 31.21 -3.95
CA ALA A 57 -21.26 30.78 -4.26
C ALA A 57 -21.48 29.32 -3.93
N ARG A 58 -20.45 28.49 -4.16
CA ARG A 58 -20.58 27.05 -3.99
C ARG A 58 -20.05 26.59 -2.65
N ARG A 59 -19.94 27.51 -1.70
CA ARG A 59 -19.42 27.14 -0.36
C ARG A 59 -20.18 26.01 0.35
N ASN A 60 -21.51 25.99 0.27
CA ASN A 60 -22.28 24.93 0.93
C ASN A 60 -22.01 23.58 0.28
N THR A 61 -21.87 23.59 -1.04
CA THR A 61 -21.62 22.35 -1.77
C THR A 61 -20.23 21.83 -1.45
N ILE A 62 -19.26 22.73 -1.37
CA ILE A 62 -17.90 22.33 -1.09
C ILE A 62 -17.80 21.73 0.31
N THR A 63 -18.49 22.33 1.27
CA THR A 63 -18.55 21.75 2.62
C THR A 63 -19.24 20.39 2.64
N SER A 64 -20.29 20.25 1.85
CA SER A 64 -20.96 18.97 1.71
CA SER A 64 -20.95 18.97 1.75
C SER A 64 -20.00 17.93 1.19
N TRP A 65 -19.14 18.32 0.22
CA TRP A 65 -18.15 17.39 -0.28
C TRP A 65 -17.16 17.01 0.84
N GLY A 66 -16.79 17.95 1.72
CA GLY A 66 -15.97 17.59 2.87
C GLY A 66 -16.60 16.57 3.82
N LYS A 67 -17.90 16.68 4.04
CA LYS A 67 -18.59 15.67 4.83
C LYS A 67 -18.51 14.31 4.16
N LYS A 68 -18.71 14.29 2.84
CA LYS A 68 -18.58 13.03 2.08
C LYS A 68 -17.20 12.44 2.14
N ILE A 69 -16.17 13.30 2.06
CA ILE A 69 -14.78 12.89 2.17
C ILE A 69 -14.52 12.20 3.50
N PHE A 70 -15.01 12.79 4.60
CA PHE A 70 -14.81 12.15 5.89
C PHE A 70 -15.61 10.85 6.02
N HIS A 71 -16.74 10.74 5.34
CA HIS A 71 -17.51 9.50 5.41
C HIS A 71 -16.76 8.36 4.70
N VAL A 72 -16.23 8.64 3.52
CA VAL A 72 -15.42 7.67 2.80
C VAL A 72 -14.21 7.26 3.65
N ALA A 73 -13.55 8.24 4.27
CA ALA A 73 -12.37 7.92 5.09
C ALA A 73 -12.75 7.07 6.30
N ALA A 74 -13.91 7.34 6.89
CA ALA A 74 -14.37 6.58 8.05
C ALA A 74 -14.56 5.09 7.72
N GLN A 75 -14.98 4.78 6.49
CA GLN A 75 -15.09 3.37 6.09
C GLN A 75 -13.79 2.61 6.04
N ARG A 76 -12.67 3.33 5.92
CA ARG A 76 -11.38 2.67 5.91
CA ARG A 76 -11.37 2.70 5.92
C ARG A 76 -10.86 2.43 7.33
N ASP A 77 -11.50 3.06 8.32
CA ASP A 77 -11.07 2.99 9.73
C ASP A 77 -11.96 2.01 10.46
N ALA A 78 -11.48 0.78 10.66
CA ALA A 78 -12.27 -0.26 11.29
C ALA A 78 -11.94 -0.41 12.77
N GLY A 79 -11.21 0.55 13.33
CA GLY A 79 -10.95 0.58 14.76
C GLY A 79 -9.65 -0.13 15.14
N GLU A 80 -9.28 0.03 16.40
CA GLU A 80 -7.98 -0.49 16.83
C GLU A 80 -7.99 -2.02 16.87
N SER A 81 -9.12 -2.61 17.24
CA SER A 81 -9.16 -4.07 17.33
CA SER A 81 -9.14 -4.07 17.36
C SER A 81 -8.92 -4.76 16.01
N LYS A 82 -9.47 -4.18 14.93
CA LYS A 82 -9.21 -4.71 13.60
C LYS A 82 -7.74 -4.54 13.22
N MET A 83 -7.14 -3.41 13.56
CA MET A 83 -5.70 -3.26 13.31
C MET A 83 -4.91 -4.35 14.03
N GLN A 84 -5.33 -4.68 15.24
CA GLN A 84 -4.60 -5.68 16.01
C GLN A 84 -4.72 -7.08 15.41
N GLU A 85 -5.74 -7.33 14.58
CA GLU A 85 -5.76 -8.59 13.85
C GLU A 85 -4.58 -8.70 12.88
N ALA A 86 -4.23 -7.59 12.23
CA ALA A 86 -3.04 -7.58 11.36
C ALA A 86 -1.76 -7.78 12.19
N HIS A 87 -1.70 -7.19 13.38
CA HIS A 87 -0.57 -7.41 14.28
C HIS A 87 -0.39 -8.89 14.61
N ARG A 88 -1.51 -9.57 14.89
CA ARG A 88 -1.41 -10.98 15.20
C ARG A 88 -0.96 -11.77 13.99
N ALA A 89 -1.50 -11.44 12.80
CA ALA A 89 -1.04 -12.12 11.60
C ALA A 89 0.45 -11.96 11.36
N ARG A 90 0.97 -10.75 11.63
CA ARG A 90 2.40 -10.47 11.47
C ARG A 90 3.21 -11.37 12.40
N ALA A 91 2.80 -11.49 13.67
CA ALA A 91 3.53 -12.33 14.61
C ALA A 91 3.47 -13.77 14.17
N GLN A 92 2.32 -14.20 13.64
CA GLN A 92 2.18 -15.57 13.12
C GLN A 92 3.15 -15.82 11.98
N LEU A 93 3.20 -14.90 11.03
CA LEU A 93 4.12 -15.04 9.90
C LEU A 93 5.56 -15.06 10.39
N GLU A 94 5.88 -14.29 11.44
CA GLU A 94 7.26 -14.26 11.89
C GLU A 94 7.69 -15.60 12.44
N CYS A 95 6.78 -16.32 13.09
CA CYS A 95 7.20 -17.63 13.57
CA CYS A 95 7.06 -17.69 13.56
C CYS A 95 7.43 -18.60 12.42
N VAL A 96 6.74 -18.43 11.31
CA VAL A 96 6.98 -19.29 10.16
C VAL A 96 8.33 -18.94 9.54
N VAL A 97 8.57 -17.64 9.27
CA VAL A 97 9.79 -17.31 8.54
C VAL A 97 11.06 -17.52 9.36
N ARG A 98 10.96 -17.47 10.69
CA ARG A 98 12.17 -17.77 11.49
C ARG A 98 12.63 -19.20 11.37
N ARG A 99 11.78 -20.11 10.93
CA ARG A 99 12.23 -21.48 10.68
CA ARG A 99 12.24 -21.49 10.69
C ARG A 99 13.16 -21.54 9.47
N TRP A 100 12.94 -20.62 8.52
CA TRP A 100 13.80 -20.50 7.36
C TRP A 100 15.08 -19.72 7.69
N HIS A 101 14.92 -18.62 8.41
CA HIS A 101 16.06 -17.79 8.76
C HIS A 101 15.83 -17.18 10.13
N ASP A 102 16.56 -17.68 11.13
CA ASP A 102 16.22 -17.34 12.51
C ASP A 102 16.27 -15.85 12.83
N LYS A 103 17.11 -15.12 12.12
CA LYS A 103 17.27 -13.70 12.43
C LYS A 103 16.34 -12.81 11.60
N ALA A 104 15.58 -13.39 10.69
CA ALA A 104 14.58 -12.60 9.98
C ALA A 104 13.45 -12.11 10.89
N ARG A 105 12.99 -10.89 10.62
CA ARG A 105 11.84 -10.33 11.32
C ARG A 105 10.87 -9.80 10.28
N VAL A 106 9.61 -9.68 10.67
CA VAL A 106 8.55 -9.31 9.73
C VAL A 106 8.10 -7.89 10.04
N PHE A 107 8.05 -7.04 9.01
CA PHE A 107 7.64 -5.64 9.15
C PHE A 107 6.39 -5.45 8.30
N ILE A 108 5.31 -4.88 8.84
CA ILE A 108 4.18 -4.49 7.98
C ILE A 108 4.48 -3.17 7.27
N PHE A 109 4.13 -3.08 5.99
CA PHE A 109 4.15 -1.75 5.35
C PHE A 109 2.92 -1.59 4.49
N GLY A 110 2.85 -0.46 3.77
CA GLY A 110 1.63 -0.14 3.04
C GLY A 110 0.67 0.74 3.78
N SER A 111 -0.62 0.64 3.42
CA SER A 111 -1.59 1.62 3.91
CA SER A 111 -1.60 1.61 3.91
C SER A 111 -1.85 1.58 5.41
N SER A 112 -1.62 0.44 6.07
CA SER A 112 -1.89 0.43 7.49
C SER A 112 -0.86 1.27 8.22
N VAL A 113 0.36 1.40 7.64
CA VAL A 113 1.36 2.31 8.14
C VAL A 113 1.02 3.72 7.70
N ALA A 114 0.85 3.92 6.41
CA ALA A 114 0.65 5.27 5.86
C ALA A 114 -0.59 5.98 6.41
N MET A 115 -1.68 5.23 6.63
CA MET A 115 -2.96 5.83 7.06
C MET A 115 -3.28 5.58 8.51
N GLY A 116 -2.48 4.75 9.20
CA GLY A 116 -2.69 4.48 10.61
C GLY A 116 -3.98 3.77 10.94
N VAL A 117 -4.61 3.17 9.93
CA VAL A 117 -5.83 2.39 10.12
C VAL A 117 -5.80 1.22 9.14
N TRP A 118 -6.65 0.21 9.40
CA TRP A 118 -6.83 -0.90 8.46
C TRP A 118 -8.30 -1.33 8.48
N ASP A 119 -8.90 -1.56 7.31
CA ASP A 119 -10.34 -1.87 7.23
C ASP A 119 -10.65 -3.35 7.31
N GLY A 120 -9.61 -4.17 7.32
CA GLY A 120 -9.78 -5.60 7.51
C GLY A 120 -9.83 -6.28 6.16
N THR A 121 -9.74 -5.49 5.10
CA THR A 121 -9.86 -6.02 3.74
CA THR A 121 -9.83 -6.08 3.76
C THR A 121 -8.69 -5.67 2.82
N ALA A 122 -8.17 -4.44 2.94
CA ALA A 122 -7.04 -4.01 2.12
C ALA A 122 -5.87 -4.99 2.24
N ASP A 123 -5.16 -5.24 1.14
CA ASP A 123 -3.99 -6.12 1.21
C ASP A 123 -2.98 -5.60 2.24
N ILE A 124 -2.36 -6.53 3.00
CA ILE A 124 -1.29 -6.16 3.93
C ILE A 124 0.01 -6.51 3.24
N ASP A 125 0.99 -5.60 3.28
CA ASP A 125 2.33 -5.94 2.80
C ASP A 125 3.20 -6.36 3.97
N PHE A 126 3.92 -7.47 3.80
CA PHE A 126 4.85 -7.91 4.83
C PHE A 126 6.23 -7.93 4.21
N ALA A 127 7.18 -7.27 4.85
CA ALA A 127 8.59 -7.36 4.42
C ALA A 127 9.33 -8.25 5.41
N VAL A 128 10.15 -9.17 4.90
CA VAL A 128 10.91 -10.09 5.77
C VAL A 128 12.38 -9.71 5.64
N VAL A 129 12.99 -9.25 6.74
CA VAL A 129 14.32 -8.66 6.69
C VAL A 129 15.10 -9.08 7.94
N ASP A 130 16.35 -9.47 7.70
CA ASP A 130 17.36 -9.67 8.74
C ASP A 130 18.14 -8.36 8.77
N VAL A 131 17.91 -7.59 9.83
CA VAL A 131 18.45 -6.24 9.95
C VAL A 131 19.98 -6.24 10.04
N ASP A 132 20.56 -7.14 10.85
CA ASP A 132 22.01 -7.29 10.90
C ASP A 132 22.58 -7.51 9.50
N ALA A 133 21.95 -8.42 8.74
CA ALA A 133 22.46 -8.74 7.41
C ALA A 133 22.33 -7.54 6.48
N MET A 134 21.21 -6.84 6.57
CA MET A 134 21.00 -5.64 5.75
CA MET A 134 21.00 -5.66 5.73
C MET A 134 22.11 -4.64 6.02
N GLU A 135 22.47 -4.48 7.29
CA GLU A 135 23.53 -3.54 7.66
C GLU A 135 24.90 -3.92 7.08
N ARG A 136 25.16 -5.23 6.94
CA ARG A 136 26.41 -5.69 6.35
C ARG A 136 26.37 -5.66 4.83
N GLY A 137 25.22 -5.31 4.26
CA GLY A 137 25.06 -5.30 2.81
C GLY A 137 24.80 -6.68 2.23
N SER A 138 24.19 -7.57 3.01
CA SER A 138 23.94 -8.95 2.57
C SER A 138 22.49 -9.33 2.75
N TRP A 139 21.57 -8.42 2.46
CA TRP A 139 20.14 -8.75 2.46
C TRP A 139 19.49 -8.08 1.26
N PRO A 140 18.60 -8.78 0.56
CA PRO A 140 18.10 -10.13 0.78
C PRO A 140 18.99 -11.22 0.20
N PRO A 141 18.80 -12.47 0.68
CA PRO A 141 19.46 -13.58 0.02
C PRO A 141 18.76 -13.81 -1.30
N LEU A 142 19.19 -14.80 -2.09
CA LEU A 142 18.59 -14.94 -3.42
C LEU A 142 17.10 -15.13 -3.31
N GLU A 143 16.36 -14.18 -3.87
CA GLU A 143 14.95 -14.09 -3.55
C GLU A 143 14.09 -15.17 -4.17
N LYS A 144 14.47 -15.69 -5.34
CA LYS A 144 13.70 -16.79 -5.91
C LYS A 144 13.70 -17.98 -4.93
N ASN A 145 14.83 -18.18 -4.27
CA ASN A 145 14.92 -19.33 -3.37
C ASN A 145 14.19 -19.07 -2.07
N ALA A 146 14.24 -17.82 -1.60
CA ALA A 146 13.51 -17.42 -0.41
C ALA A 146 12.00 -17.62 -0.64
N VAL A 147 11.52 -17.21 -1.80
CA VAL A 147 10.11 -17.40 -2.12
C VAL A 147 9.72 -18.88 -2.07
N ARG A 148 10.54 -19.75 -2.67
CA ARG A 148 10.23 -21.18 -2.68
C ARG A 148 10.32 -21.76 -1.26
N SER A 149 11.33 -21.35 -0.49
CA SER A 149 11.48 -21.87 0.88
C SER A 149 10.30 -21.53 1.75
N ILE A 150 9.88 -20.27 1.74
CA ILE A 150 8.78 -19.86 2.62
C ILE A 150 7.43 -20.40 2.13
N THR A 151 7.26 -20.51 0.82
CA THR A 151 6.06 -21.17 0.30
C THR A 151 5.89 -22.57 0.87
N GLU A 152 6.99 -23.33 0.93
CA GLU A 152 6.92 -24.70 1.41
C GLU A 152 6.60 -24.74 2.91
N LEU A 153 7.19 -23.84 3.68
CA LEU A 153 6.87 -23.78 5.11
C LEU A 153 5.39 -23.46 5.34
N LEU A 154 4.85 -22.52 4.55
CA LEU A 154 3.44 -22.19 4.66
C LEU A 154 2.53 -23.38 4.29
N ARG A 155 2.88 -24.10 3.23
CA ARG A 155 2.13 -25.29 2.83
C ARG A 155 2.10 -26.29 3.99
N ARG A 156 3.22 -26.42 4.70
CA ARG A 156 3.35 -27.46 5.72
C ARG A 156 2.61 -27.08 7.02
N VAL A 157 2.29 -25.81 7.19
CA VAL A 157 1.54 -25.38 8.39
C VAL A 157 0.05 -25.25 8.06
N GLY A 158 -0.32 -25.59 6.83
CA GLY A 158 -1.72 -25.68 6.43
C GLY A 158 -2.23 -24.77 5.33
N PHE A 159 -1.37 -23.96 4.74
CA PHE A 159 -1.83 -23.14 3.60
C PHE A 159 -1.98 -24.01 2.37
N SER A 160 -3.10 -23.84 1.66
CA SER A 160 -3.34 -24.58 0.42
C SER A 160 -2.73 -23.95 -0.84
N PHE A 161 -2.39 -24.77 -1.84
CA PHE A 161 -1.95 -24.22 -3.12
C PHE A 161 -3.03 -23.35 -3.79
N VAL A 162 -4.30 -23.57 -3.43
CA VAL A 162 -5.41 -22.73 -3.92
C VAL A 162 -5.18 -21.26 -3.52
N ASN A 163 -4.59 -21.05 -2.35
CA ASN A 163 -4.49 -19.71 -1.79
C ASN A 163 -3.12 -19.08 -1.96
N LEU A 164 -2.10 -19.89 -2.14
CA LEU A 164 -0.73 -19.37 -2.23
C LEU A 164 -0.25 -19.23 -3.65
N GLU A 165 0.25 -18.05 -3.98
CA GLU A 165 0.83 -17.84 -5.30
C GLU A 165 2.29 -17.40 -5.14
N PRO A 166 3.24 -18.34 -5.26
CA PRO A 166 4.66 -17.97 -5.29
C PRO A 166 4.96 -17.27 -6.60
N ILE A 167 5.56 -16.10 -6.55
CA ILE A 167 6.00 -15.42 -7.76
C ILE A 167 7.50 -15.26 -7.72
N SER A 168 8.22 -16.34 -8.02
CA SER A 168 9.66 -16.38 -7.77
C SER A 168 10.45 -15.60 -8.80
N HIS A 169 9.80 -15.31 -9.94
CA HIS A 169 10.50 -14.74 -11.10
C HIS A 169 10.07 -13.32 -11.52
N ALA A 170 9.22 -12.67 -10.74
CA ALA A 170 8.94 -11.25 -10.95
C ALA A 170 10.21 -10.44 -10.73
N ARG A 171 10.17 -9.15 -11.10
CA ARG A 171 11.34 -8.29 -10.93
C ARG A 171 11.69 -8.22 -9.45
N VAL A 172 10.64 -8.20 -8.63
CA VAL A 172 10.78 -8.34 -7.19
C VAL A 172 10.02 -9.63 -6.83
N PRO A 173 10.76 -10.72 -6.58
CA PRO A 173 10.02 -11.95 -6.26
C PRO A 173 9.27 -11.83 -4.95
N ILE A 174 8.05 -12.33 -4.92
CA ILE A 174 7.19 -12.22 -3.74
C ILE A 174 6.34 -13.48 -3.62
N ILE A 175 5.68 -13.61 -2.47
CA ILE A 175 4.62 -14.59 -2.29
C ILE A 175 3.32 -13.82 -2.12
N LYS A 176 2.32 -14.14 -2.92
CA LYS A 176 1.00 -13.54 -2.74
C LYS A 176 0.09 -14.56 -2.11
N HIS A 177 -0.62 -14.15 -1.06
CA HIS A 177 -1.63 -15.02 -0.48
C HIS A 177 -3.02 -14.45 -0.75
N HIS A 178 -3.85 -15.27 -1.36
CA HIS A 178 -5.23 -14.88 -1.71
C HIS A 178 -6.19 -15.58 -0.76
N ALA A 179 -6.82 -14.84 0.14
CA ALA A 179 -7.72 -15.46 1.11
C ALA A 179 -9.03 -15.88 0.50
N SER A 180 -9.48 -17.06 0.88
CA SER A 180 -10.81 -17.52 0.50
C SER A 180 -11.87 -16.73 1.28
N SER A 181 -13.07 -16.64 0.73
CA SER A 181 -14.15 -16.00 1.49
C SER A 181 -15.07 -17.09 1.96
N PRO A 182 -15.49 -17.03 3.23
CA PRO A 182 -16.28 -18.11 3.85
C PRO A 182 -17.70 -18.17 3.27
N ASP A 193 -12.21 -17.52 20.25
CA ASP A 193 -12.76 -18.71 19.64
C ASP A 193 -11.78 -19.87 19.67
N VAL A 194 -12.22 -20.96 20.28
CA VAL A 194 -11.36 -22.07 20.62
C VAL A 194 -10.86 -22.86 19.39
N VAL A 195 -11.74 -23.07 18.41
CA VAL A 195 -11.39 -23.84 17.22
C VAL A 195 -10.27 -23.19 16.41
N ALA A 196 -10.32 -21.86 16.31
CA ALA A 196 -9.31 -21.13 15.56
C ALA A 196 -7.92 -21.18 16.23
N ARG A 197 -7.87 -21.41 17.53
CA ARG A 197 -6.58 -21.54 18.20
C ARG A 197 -6.27 -22.99 18.55
N SER A 198 -6.88 -23.90 17.80
CA SER A 198 -6.58 -25.33 17.94
C SER A 198 -5.94 -25.90 16.69
N ILE A 199 -5.08 -26.89 16.88
CA ILE A 199 -4.39 -27.54 15.76
C ILE A 199 -4.45 -29.05 15.94
N ARG A 200 -4.09 -29.78 14.89
CA ARG A 200 -4.12 -31.22 14.91
C ARG A 200 -2.84 -31.75 14.32
N PHE A 201 -2.19 -32.67 15.02
CA PHE A 201 -1.08 -33.37 14.42
C PHE A 201 -1.55 -34.76 13.96
N ILE A 202 -1.39 -35.08 12.67
CA ILE A 202 -1.67 -36.44 12.21
C ILE A 202 -0.34 -37.18 12.10
N LEU A 203 -0.24 -38.33 12.75
CA LEU A 203 0.99 -39.11 12.72
C LEU A 203 0.89 -40.23 11.72
N ASN A 204 2.03 -40.67 11.18
CA ASN A 204 2.03 -41.75 10.21
C ASN A 204 1.98 -43.17 10.79
N GLY A 205 1.83 -43.28 12.11
CA GLY A 205 1.67 -44.56 12.77
C GLY A 205 1.30 -44.24 14.20
N PRO A 206 1.09 -45.27 15.02
CA PRO A 206 0.71 -45.06 16.41
C PRO A 206 1.92 -44.63 17.25
N ALA A 207 1.71 -43.68 18.16
CA ALA A 207 2.76 -43.20 19.05
C ALA A 207 2.79 -44.03 20.32
N THR A 208 3.98 -44.39 20.78
CA THR A 208 4.12 -44.98 22.10
C THR A 208 3.89 -43.91 23.16
N ARG A 209 3.81 -44.34 24.41
CA ARG A 209 3.65 -43.40 25.50
C ARG A 209 4.80 -42.39 25.53
N GLU A 210 6.02 -42.86 25.29
CA GLU A 210 7.18 -41.99 25.28
C GLU A 210 7.04 -41.00 24.14
N ASP A 211 6.58 -41.48 22.98
CA ASP A 211 6.39 -40.60 21.81
C ASP A 211 5.37 -39.50 22.11
N ARG A 212 4.26 -39.87 22.75
CA ARG A 212 3.22 -38.88 23.09
C ARG A 212 3.78 -37.79 23.99
N LEU A 213 4.59 -38.17 24.98
CA LEU A 213 5.19 -37.16 25.87
C LEU A 213 6.17 -36.27 25.14
N LEU A 214 6.86 -36.82 24.16
CA LEU A 214 7.81 -36.03 23.38
C LEU A 214 7.08 -35.02 22.52
N LEU A 215 6.00 -35.43 21.87
CA LEU A 215 5.27 -34.48 21.01
C LEU A 215 4.68 -33.36 21.86
N GLU A 216 4.04 -33.73 22.97
CA GLU A 216 3.45 -32.72 23.84
C GLU A 216 4.53 -31.76 24.35
N GLY A 217 5.68 -32.33 24.67
CA GLY A 217 6.84 -31.56 25.12
C GLY A 217 7.29 -30.56 24.09
N SER A 218 7.34 -30.98 22.82
CA SER A 218 7.72 -30.09 21.73
CA SER A 218 7.74 -30.07 21.74
C SER A 218 6.77 -28.92 21.61
N VAL A 219 5.48 -29.20 21.73
CA VAL A 219 4.49 -28.15 21.67
C VAL A 219 4.66 -27.18 22.85
N ARG A 220 4.79 -27.73 24.05
CA ARG A 220 4.94 -26.89 25.24
C ARG A 220 6.19 -26.03 25.19
N ASP A 221 7.26 -26.58 24.65
CA ASP A 221 8.52 -25.84 24.58
C ASP A 221 8.43 -24.71 23.58
N ALA A 222 7.59 -24.87 22.55
CA ALA A 222 7.45 -23.84 21.52
C ALA A 222 6.67 -22.65 22.02
N VAL A 223 5.71 -22.86 22.90
CA VAL A 223 4.79 -21.78 23.24
C VAL A 223 5.06 -21.20 24.63
N GLY A 224 5.80 -21.93 25.45
CA GLY A 224 6.04 -21.48 26.81
C GLY A 224 4.98 -22.00 27.76
N PRO A 225 5.14 -21.71 29.08
CA PRO A 225 4.36 -22.31 30.17
C PRO A 225 2.88 -21.97 30.19
N THR A 226 2.47 -20.87 29.56
CA THR A 226 1.05 -20.52 29.57
C THR A 226 0.38 -20.83 28.24
N GLY A 227 1.17 -21.22 27.25
CA GLY A 227 0.67 -21.34 25.89
C GLY A 227 -0.27 -22.51 25.60
N VAL A 228 -0.15 -23.59 26.34
CA VAL A 228 -0.96 -24.77 26.04
C VAL A 228 -2.14 -24.88 26.98
N GLN A 229 -3.35 -24.85 26.42
CA GLN A 229 -4.53 -24.97 27.26
C GLN A 229 -5.02 -26.40 27.41
N GLN A 230 -4.96 -27.19 26.34
CA GLN A 230 -5.47 -28.53 26.39
C GLN A 230 -4.78 -29.34 25.30
N VAL A 231 -4.42 -30.57 25.62
CA VAL A 231 -3.85 -31.48 24.64
C VAL A 231 -4.57 -32.81 24.79
N TRP A 232 -4.97 -33.42 23.67
CA TRP A 232 -5.63 -34.73 23.74
C TRP A 232 -5.36 -35.64 22.54
N TRP A 233 -5.42 -36.95 22.77
CA TRP A 233 -5.10 -37.93 21.73
C TRP A 233 -6.30 -38.77 21.31
N ASN A 234 -6.31 -39.23 20.07
CA ASN A 234 -7.36 -40.16 19.65
C ASN A 234 -7.10 -41.60 20.12
N ARG A 235 -8.06 -42.48 19.85
CA ARG A 235 -8.07 -43.79 20.49
C ARG A 235 -6.90 -44.61 19.98
N THR A 236 -6.49 -44.33 18.74
CA THR A 236 -5.43 -45.09 18.08
C THR A 236 -4.03 -44.46 18.24
N SER A 237 -3.96 -43.37 19.01
CA SER A 237 -2.70 -42.69 19.30
C SER A 237 -1.97 -42.23 18.04
N ASP A 238 -2.72 -41.86 17.02
CA ASP A 238 -2.10 -41.36 15.78
C ASP A 238 -2.59 -39.99 15.37
N MET A 239 -3.28 -39.32 16.29
CA MET A 239 -3.62 -37.94 16.11
C MET A 239 -3.63 -37.26 17.46
N MET A 240 -2.94 -36.13 17.56
CA MET A 240 -2.96 -35.33 18.78
C MET A 240 -3.53 -33.98 18.44
N SER A 241 -4.51 -33.53 19.23
CA SER A 241 -5.03 -32.19 19.06
C SER A 241 -4.56 -31.32 20.21
N ALA A 242 -4.47 -30.02 19.97
CA ALA A 242 -4.02 -29.11 21.02
C ALA A 242 -4.74 -27.79 20.86
N THR A 243 -5.23 -27.27 21.98
CA THR A 243 -5.78 -25.92 22.03
C THR A 243 -4.77 -25.02 22.73
N LEU A 244 -4.41 -23.93 22.07
CA LEU A 244 -3.39 -23.05 22.58
C LEU A 244 -4.08 -21.80 23.11
N GLU A 245 -3.35 -20.95 23.82
CA GLU A 245 -3.96 -19.81 24.51
C GLU A 245 -4.40 -18.71 23.54
N SER A 246 -3.85 -18.72 22.34
CA SER A 246 -4.14 -17.68 21.35
C SER A 246 -3.92 -18.25 19.96
N THR A 247 -4.41 -17.53 18.95
CA THR A 247 -4.14 -17.94 17.57
C THR A 247 -2.67 -17.84 17.22
N THR A 248 -1.95 -16.89 17.81
CA THR A 248 -0.53 -16.79 17.54
C THR A 248 0.22 -17.97 18.17
N ALA A 249 -0.13 -18.33 19.41
CA ALA A 249 0.46 -19.52 20.00
C ALA A 249 0.16 -20.76 19.17
N ALA A 250 -1.02 -20.80 18.54
CA ALA A 250 -1.40 -21.96 17.74
C ALA A 250 -0.49 -22.11 16.53
N VAL A 251 -0.15 -20.99 15.88
CA VAL A 251 0.81 -21.07 14.78
C VAL A 251 2.23 -21.41 15.27
N ARG A 252 2.63 -20.81 16.38
CA ARG A 252 3.93 -21.09 16.98
C ARG A 252 4.03 -22.59 17.31
N ALA A 253 2.96 -23.19 17.84
CA ALA A 253 2.93 -24.63 18.09
C ALA A 253 3.02 -25.47 16.82
N ALA A 254 2.30 -25.07 15.77
CA ALA A 254 2.34 -25.81 14.49
C ALA A 254 3.70 -25.72 13.82
N MET A 255 4.50 -24.74 14.21
CA MET A 255 5.88 -24.61 13.70
C MET A 255 6.91 -25.39 14.50
N CYS A 256 6.49 -26.11 15.54
CA CYS A 256 7.47 -26.85 16.33
C CYS A 256 8.07 -27.98 15.48
N SER A 257 9.22 -28.48 15.89
CA SER A 257 9.77 -29.61 15.17
C SER A 257 9.92 -30.80 16.11
N PRO A 258 8.91 -31.68 16.12
CA PRO A 258 8.95 -32.82 17.04
C PRO A 258 10.12 -33.75 16.78
N ALA A 259 10.68 -34.31 17.83
CA ALA A 259 11.73 -35.32 17.71
C ALA A 259 11.23 -36.53 18.46
N LEU A 260 10.50 -37.39 17.77
CA LEU A 260 9.88 -38.51 18.44
C LEU A 260 10.90 -39.63 18.52
N ALA A 261 10.65 -40.54 19.44
CA ALA A 261 11.59 -41.64 19.69
C ALA A 261 11.48 -42.75 18.63
N SER A 262 10.25 -43.17 18.28
CA SER A 262 10.03 -44.32 17.39
C SER A 262 10.57 -44.03 16.01
N ALA A 263 11.38 -44.95 15.52
CA ALA A 263 11.99 -44.76 14.22
C ALA A 263 10.93 -44.56 13.14
N SER A 264 11.14 -43.53 12.33
CA SER A 264 10.31 -43.18 11.17
C SER A 264 8.92 -42.70 11.50
N LEU A 265 8.64 -42.47 12.77
CA LEU A 265 7.37 -41.84 13.12
C LEU A 265 7.43 -40.35 12.82
N ARG A 266 6.45 -39.87 12.07
CA ARG A 266 6.48 -38.49 11.58
C ARG A 266 5.10 -37.87 11.79
N THR A 267 5.08 -36.55 11.81
CA THR A 267 3.83 -35.79 11.96
C THR A 267 3.59 -34.82 10.83
N LYS A 268 2.32 -34.52 10.59
CA LYS A 268 1.94 -33.36 9.78
C LYS A 268 0.96 -32.58 10.63
N VAL A 269 0.89 -31.27 10.43
CA VAL A 269 0.08 -30.42 11.31
C VAL A 269 -0.69 -29.38 10.51
N GLN A 270 -1.91 -29.09 10.94
CA GLN A 270 -2.62 -27.96 10.35
C GLN A 270 -3.68 -27.48 11.34
N PRO A 271 -4.31 -26.34 11.08
CA PRO A 271 -5.36 -25.93 12.01
C PRO A 271 -6.47 -26.98 12.11
N ALA A 272 -7.12 -27.06 13.28
CA ALA A 272 -8.16 -28.06 13.50
C ALA A 272 -9.37 -27.89 12.59
N HIS A 273 -9.55 -26.69 12.05
CA HIS A 273 -10.69 -26.39 11.17
C HIS A 273 -10.27 -25.79 9.85
N ASP A 274 -10.97 -26.16 8.78
CA ASP A 274 -10.61 -25.74 7.42
C ASP A 274 -10.88 -24.28 7.10
N GLU A 275 -11.83 -23.66 7.81
CA GLU A 275 -12.16 -22.25 7.55
C GLU A 275 -11.91 -21.33 8.75
N CYS A 276 -12.22 -21.83 9.94
CA CYS A 276 -12.02 -21.06 11.17
CA CYS A 276 -12.02 -21.06 11.17
C CYS A 276 -10.58 -21.20 11.67
N ARG A 277 -9.75 -20.22 11.33
CA ARG A 277 -8.30 -20.35 11.48
C ARG A 277 -7.67 -19.07 12.02
N PRO A 278 -6.39 -19.15 12.40
CA PRO A 278 -5.64 -17.94 12.78
C PRO A 278 -5.65 -16.83 11.71
N GLU A 279 -5.49 -15.60 12.16
CA GLU A 279 -5.58 -14.38 11.30
C GLU A 279 -4.82 -14.47 9.97
N LEU A 280 -3.61 -15.02 9.98
CA LEU A 280 -2.76 -15.03 8.79
C LEU A 280 -3.42 -15.78 7.64
N TYR A 281 -4.27 -16.76 7.97
CA TYR A 281 -4.93 -17.56 6.93
C TYR A 281 -6.07 -16.80 6.27
N ASN A 282 -6.51 -15.72 6.87
CA ASN A 282 -7.75 -15.08 6.50
C ASN A 282 -7.58 -13.74 5.79
N ILE A 283 -6.33 -13.31 5.61
CA ILE A 283 -6.07 -12.02 5.04
C ILE A 283 -5.28 -12.11 3.74
N ASP A 284 -5.58 -11.22 2.80
CA ASP A 284 -4.78 -11.10 1.59
C ASP A 284 -3.48 -10.41 1.95
N PHE A 285 -2.37 -10.96 1.50
CA PHE A 285 -1.06 -10.32 1.73
C PHE A 285 -0.06 -10.59 0.65
N ASP A 286 0.90 -9.66 0.51
CA ASP A 286 2.06 -9.86 -0.34
C ASP A 286 3.26 -9.90 0.59
N LEU A 287 4.07 -10.94 0.44
CA LEU A 287 5.29 -11.12 1.25
C LEU A 287 6.53 -10.89 0.37
N SER A 288 7.37 -9.94 0.78
CA SER A 288 8.58 -9.60 0.06
C SER A 288 9.74 -9.54 1.01
N PHE A 289 10.95 -9.31 0.45
CA PHE A 289 12.17 -9.47 1.23
C PHE A 289 13.02 -8.21 1.27
N ARG A 290 12.46 -7.12 0.77
CA ARG A 290 13.20 -5.86 0.71
C ARG A 290 12.66 -4.82 1.67
N ALA A 291 13.49 -3.84 2.00
CA ALA A 291 13.12 -2.83 3.00
C ALA A 291 12.55 -1.54 2.43
N PHE A 292 12.67 -1.32 1.11
CA PHE A 292 12.29 -0.03 0.53
CA PHE A 292 12.33 -0.01 0.58
C PHE A 292 10.89 0.44 0.86
N GLY A 293 9.93 -0.48 0.82
CA GLY A 293 8.56 -0.10 1.04
C GLY A 293 8.28 0.37 2.45
N ILE A 294 9.03 -0.14 3.42
CA ILE A 294 8.91 0.33 4.79
C ILE A 294 9.20 1.83 4.89
N ARG A 295 10.30 2.25 4.28
CA ARG A 295 10.71 3.64 4.32
C ARG A 295 9.67 4.51 3.61
N ASN A 296 9.18 4.06 2.46
CA ASN A 296 8.19 4.82 1.70
C ASN A 296 6.94 5.02 2.58
N SER A 297 6.46 3.96 3.22
CA SER A 297 5.22 4.07 4.01
C SER A 297 5.43 4.97 5.22
N THR A 298 6.62 4.93 5.82
CA THR A 298 6.91 5.73 7.00
C THR A 298 6.98 7.21 6.62
N LEU A 299 7.51 7.52 5.43
CA LEU A 299 7.49 8.92 4.97
C LEU A 299 6.05 9.42 4.78
N LEU A 300 5.23 8.59 4.14
CA LEU A 300 3.81 8.94 3.94
C LEU A 300 3.15 9.16 5.27
N ARG A 301 3.40 8.27 6.25
CA ARG A 301 2.71 8.41 7.54
CA ARG A 301 2.76 8.40 7.58
C ARG A 301 3.02 9.74 8.22
N LYS A 302 4.28 10.16 8.20
CA LYS A 302 4.67 11.39 8.84
C LYS A 302 3.94 12.59 8.21
N TYR A 303 3.92 12.64 6.88
CA TYR A 303 3.16 13.69 6.21
C TYR A 303 1.65 13.62 6.48
N LEU A 304 1.06 12.44 6.34
CA LEU A 304 -0.39 12.37 6.34
C LEU A 304 -0.99 12.53 7.74
N LEU A 305 -0.21 12.30 8.78
CA LEU A 305 -0.69 12.57 10.13
C LEU A 305 -0.59 14.05 10.54
N SER A 306 0.03 14.87 9.69
CA SER A 306 0.33 16.23 10.10
C SER A 306 -0.76 17.28 9.82
N HIS A 307 -1.87 16.85 9.24
CA HIS A 307 -3.08 17.68 9.14
C HIS A 307 -4.26 16.71 9.28
N PRO A 308 -5.31 17.11 10.02
CA PRO A 308 -6.45 16.19 10.24
C PRO A 308 -7.22 15.85 8.96
N CYS A 309 -7.08 16.64 7.90
CA CYS A 309 -7.75 16.33 6.65
C CYS A 309 -6.84 15.63 5.64
N ALA A 310 -5.59 15.36 6.03
CA ALA A 310 -4.67 14.81 5.04
C ALA A 310 -4.94 13.34 4.69
N ARG A 311 -5.22 12.50 5.69
CA ARG A 311 -5.58 11.12 5.31
C ARG A 311 -6.91 11.01 4.57
N PRO A 312 -7.97 11.70 5.04
CA PRO A 312 -9.23 11.60 4.29
C PRO A 312 -9.08 12.02 2.83
N GLY A 313 -8.33 13.10 2.58
CA GLY A 313 -8.14 13.50 1.20
C GLY A 313 -7.35 12.47 0.40
N ALA A 314 -6.34 11.87 1.02
CA ALA A 314 -5.52 10.89 0.34
C ALA A 314 -6.36 9.69 -0.03
N ILE A 315 -7.26 9.29 0.85
CA ILE A 315 -8.15 8.14 0.56
C ILE A 315 -9.09 8.40 -0.60
N VAL A 316 -9.70 9.58 -0.59
CA VAL A 316 -10.61 9.94 -1.67
C VAL A 316 -9.87 10.08 -3.00
N LEU A 317 -8.67 10.64 -2.96
CA LEU A 317 -7.88 10.75 -4.19
C LEU A 317 -7.41 9.39 -4.72
N LYS A 318 -7.11 8.44 -3.84
CA LYS A 318 -6.74 7.12 -4.34
C LYS A 318 -7.91 6.53 -5.12
N ASP A 319 -9.12 6.60 -4.53
CA ASP A 319 -10.28 6.02 -5.18
C ASP A 319 -10.59 6.78 -6.48
N TRP A 320 -10.56 8.11 -6.44
CA TRP A 320 -10.78 8.92 -7.64
C TRP A 320 -9.76 8.57 -8.74
N SER A 321 -8.52 8.41 -8.35
CA SER A 321 -7.48 8.19 -9.35
C SER A 321 -7.68 6.85 -10.05
N LYS A 322 -8.14 5.85 -9.31
CA LYS A 322 -8.40 4.54 -9.93
C LYS A 322 -9.65 4.58 -10.80
N THR A 323 -10.73 5.20 -10.32
CA THR A 323 -11.95 5.24 -11.10
CA THR A 323 -11.97 5.24 -11.09
C THR A 323 -11.80 6.05 -12.37
N SER A 324 -10.99 7.11 -12.32
CA SER A 324 -10.83 8.01 -13.48
C SER A 324 -9.78 7.48 -14.46
N GLY A 325 -9.02 6.48 -14.03
CA GLY A 325 -7.97 5.90 -14.86
C GLY A 325 -6.58 6.53 -14.80
N VAL A 326 -6.41 7.54 -13.96
CA VAL A 326 -5.09 8.18 -13.89
C VAL A 326 -4.12 7.39 -13.03
N ASN A 327 -4.68 6.49 -12.20
CA ASN A 327 -3.90 5.58 -11.37
C ASN A 327 -4.14 4.20 -11.99
N ASN A 328 -3.14 3.70 -12.74
CA ASN A 328 -3.27 2.47 -13.51
C ASN A 328 -1.88 2.14 -14.03
N SER A 329 -0.97 1.79 -13.11
CA SER A 329 0.44 1.62 -13.49
C SER A 329 0.67 0.51 -14.54
N VAL A 330 -0.16 -0.52 -14.55
CA VAL A 330 0.04 -1.59 -15.56
C VAL A 330 -0.04 -1.07 -16.98
N ASN A 331 -0.76 0.03 -17.18
CA ASN A 331 -0.82 0.62 -18.50
C ASN A 331 -0.07 1.92 -18.60
N GLY A 332 0.84 2.14 -17.66
CA GLY A 332 1.80 3.24 -17.77
C GLY A 332 1.38 4.53 -17.10
N TYR A 333 0.22 4.51 -16.45
CA TYR A 333 -0.21 5.72 -15.74
C TYR A 333 0.42 5.71 -14.36
N PHE A 334 -0.10 6.52 -13.45
CA PHE A 334 0.54 6.64 -12.13
C PHE A 334 0.19 5.49 -11.20
N THR A 335 1.03 5.31 -10.19
CA THR A 335 0.75 4.40 -9.10
C THR A 335 0.03 5.13 -7.97
N SER A 336 -0.48 4.38 -7.01
CA SER A 336 -1.08 5.01 -5.84
C SER A 336 -0.06 5.85 -5.08
N TYR A 337 1.18 5.41 -5.03
CA TYR A 337 2.22 6.18 -4.39
C TYR A 337 2.37 7.54 -5.08
N ALA A 338 2.37 7.56 -6.41
CA ALA A 338 2.51 8.82 -7.14
C ALA A 338 1.37 9.80 -6.81
N ILE A 339 0.15 9.27 -6.69
CA ILE A 339 -1.00 10.12 -6.36
C ILE A 339 -0.83 10.70 -4.95
N ASN A 340 -0.36 9.89 -3.99
CA ASN A 340 -0.11 10.44 -2.66
C ASN A 340 0.96 11.53 -2.68
N ILE A 341 1.99 11.37 -3.54
CA ILE A 341 3.00 12.40 -3.71
CA ILE A 341 3.00 12.40 -3.65
C ILE A 341 2.39 13.68 -4.24
N MET A 342 1.51 13.56 -5.25
CA MET A 342 0.84 14.73 -5.76
C MET A 342 0.08 15.45 -4.65
N TRP A 343 -0.65 14.72 -3.82
CA TRP A 343 -1.45 15.34 -2.77
C TRP A 343 -0.54 16.00 -1.75
N ILE A 344 0.49 15.29 -1.32
CA ILE A 344 1.37 15.86 -0.27
CA ILE A 344 1.33 15.86 -0.30
C ILE A 344 2.14 17.08 -0.80
N TYR A 345 2.60 17.01 -2.05
CA TYR A 345 3.33 18.16 -2.62
C TYR A 345 2.44 19.39 -2.62
N TYR A 346 1.19 19.21 -3.01
CA TYR A 346 0.20 20.30 -2.93
C TYR A 346 0.05 20.81 -1.48
N LEU A 347 -0.10 19.91 -0.52
CA LEU A 347 -0.23 20.32 0.86
C LEU A 347 0.98 21.12 1.33
N VAL A 348 2.18 20.71 0.93
CA VAL A 348 3.37 21.41 1.36
C VAL A 348 3.43 22.78 0.70
N GLN A 349 3.17 22.83 -0.61
CA GLN A 349 3.36 24.09 -1.36
C GLN A 349 2.36 25.13 -0.91
N LYS A 350 1.19 24.67 -0.48
CA LYS A 350 0.13 25.56 -0.03
C LYS A 350 0.16 25.83 1.49
N GLY A 351 1.07 25.18 2.19
CA GLY A 351 1.29 25.44 3.61
C GLY A 351 0.36 24.72 4.57
N TYR A 352 -0.38 23.74 4.09
CA TYR A 352 -1.22 22.92 4.96
C TYR A 352 -0.46 21.96 5.88
N VAL A 353 0.72 21.48 5.43
CA VAL A 353 1.54 20.61 6.28
C VAL A 353 2.98 21.11 6.19
N PRO A 354 3.77 20.88 7.26
CA PRO A 354 5.20 21.23 7.21
C PRO A 354 5.96 20.34 6.23
N TYR A 355 7.03 20.91 5.67
CA TYR A 355 7.92 20.10 4.83
C TYR A 355 8.65 19.02 5.64
N VAL A 356 8.77 17.82 5.06
CA VAL A 356 9.62 16.77 5.63
C VAL A 356 10.60 16.30 4.57
N ASP A 357 11.90 16.39 4.85
CA ASP A 357 12.89 15.86 3.91
C ASP A 357 12.83 14.33 3.93
N PRO A 358 12.68 13.69 2.76
CA PRO A 358 12.71 12.22 2.80
C PRO A 358 13.92 11.65 3.54
N LEU A 359 15.04 12.35 3.55
CA LEU A 359 16.24 11.89 4.27
C LEU A 359 16.11 11.81 5.79
N GLU A 360 15.05 12.45 6.33
CA GLU A 360 14.74 12.39 7.76
C GLU A 360 14.26 11.03 8.24
N ILE A 361 13.76 10.21 7.32
CA ILE A 361 13.36 8.83 7.62
C ILE A 361 14.57 7.95 7.34
N PRO A 362 15.13 7.30 8.37
CA PRO A 362 16.36 6.54 8.15
C PRO A 362 16.14 5.35 7.22
N GLU A 363 17.16 5.05 6.42
CA GLU A 363 17.16 3.86 5.61
C GLU A 363 17.40 2.65 6.52
N SER A 364 18.23 2.84 7.54
CA SER A 364 18.58 1.75 8.46
C SER A 364 17.39 1.40 9.33
N LEU A 365 17.22 0.10 9.59
CA LEU A 365 16.12 -0.39 10.42
C LEU A 365 16.61 -0.74 11.81
N VAL A 366 17.84 -0.38 12.12
CA VAL A 366 18.40 -0.66 13.45
C VAL A 366 17.54 -0.13 14.61
N ASN A 367 17.02 1.08 14.47
CA ASN A 367 16.24 1.63 15.60
C ASN A 367 14.73 1.44 15.46
N TYR A 368 14.33 0.55 14.57
CA TYR A 368 12.92 0.42 14.22
C TYR A 368 12.13 -0.26 15.34
N THR A 369 10.95 0.27 15.63
CA THR A 369 10.13 -0.30 16.69
C THR A 369 8.74 -0.68 16.19
N ASP A 370 8.28 -0.06 15.10
CA ASP A 370 6.87 -0.15 14.75
C ASP A 370 6.56 -1.27 13.76
N PHE A 371 7.08 -2.47 14.04
CA PHE A 371 6.74 -3.66 13.26
C PHE A 371 5.23 -3.79 13.10
N ASP A 372 4.53 -3.56 14.23
CA ASP A 372 3.07 -3.51 14.28
C ASP A 372 2.68 -2.03 14.12
N PRO A 373 2.00 -1.68 13.03
CA PRO A 373 1.67 -0.27 12.76
C PRO A 373 0.80 0.32 13.85
N ARG A 374 1.14 1.54 14.25
CA ARG A 374 0.38 2.22 15.30
C ARG A 374 -0.96 2.72 14.77
N TYR A 375 -1.99 2.52 15.57
CA TYR A 375 -3.34 2.91 15.20
C TYR A 375 -3.62 4.36 15.61
N THR A 376 -4.11 5.16 14.65
CA THR A 376 -4.59 6.51 14.92
C THR A 376 -5.96 6.66 14.27
N PRO A 377 -7.00 6.96 15.06
CA PRO A 377 -8.36 7.11 14.51
C PRO A 377 -8.38 8.16 13.40
N MET A 378 -9.20 7.93 12.38
CA MET A 378 -9.39 8.88 11.29
C MET A 378 -9.88 10.25 11.75
N ILE A 379 -10.73 10.27 12.78
CA ILE A 379 -11.22 11.53 13.32
C ILE A 379 -11.19 11.43 14.85
N ASP A 380 -10.82 12.54 15.50
CA ASP A 380 -10.76 12.58 16.95
C ASP A 380 -12.17 12.36 17.51
N PRO A 381 -12.37 11.29 18.28
CA PRO A 381 -13.67 10.91 18.83
C PRO A 381 -14.21 11.93 19.82
N GLU A 382 -13.37 12.87 20.26
CA GLU A 382 -13.82 13.84 21.25
C GLU A 382 -14.14 15.23 20.69
N ILE A 383 -13.99 15.45 19.38
CA ILE A 383 -14.25 16.81 18.92
C ILE A 383 -15.72 17.16 18.95
N THR A 384 -15.99 18.46 18.89
CA THR A 384 -17.35 19.00 19.04
C THR A 384 -18.03 19.04 17.68
N ASN A 385 -19.34 19.28 17.69
CA ASN A 385 -20.03 19.40 16.41
C ASN A 385 -19.44 20.56 15.61
N THR A 386 -19.09 21.65 16.29
CA THR A 386 -18.56 22.82 15.61
C THR A 386 -17.22 22.50 14.97
N GLU A 387 -16.35 21.84 15.72
CA GLU A 387 -15.03 21.49 15.21
C GLU A 387 -15.13 20.56 14.03
N ARG A 388 -16.08 19.62 14.12
CA ARG A 388 -16.28 18.66 13.06
C ARG A 388 -16.71 19.37 11.80
N GLU A 389 -17.62 20.33 11.94
CA GLU A 389 -18.09 21.12 10.79
C GLU A 389 -16.92 21.85 10.15
N GLU A 390 -16.00 22.34 10.98
CA GLU A 390 -14.83 23.07 10.48
C GLU A 390 -13.92 22.12 9.72
N LEU A 391 -13.80 20.87 10.17
CA LEU A 391 -13.03 19.89 9.39
C LEU A 391 -13.67 19.61 8.04
N TYR A 392 -15.00 19.50 7.99
CA TYR A 392 -15.66 19.26 6.71
C TYR A 392 -15.40 20.39 5.73
N LYS A 393 -15.52 21.62 6.23
CA LYS A 393 -15.25 22.80 5.41
C LYS A 393 -13.81 22.77 4.88
N ALA A 394 -12.85 22.46 5.75
CA ALA A 394 -11.44 22.43 5.37
C ALA A 394 -11.18 21.33 4.36
N ALA A 395 -11.70 20.13 4.61
CA ALA A 395 -11.49 19.01 3.68
C ALA A 395 -12.01 19.34 2.27
N GLY A 396 -13.21 19.89 2.20
CA GLY A 396 -13.74 20.29 0.90
C GLY A 396 -12.87 21.34 0.24
N ASP A 397 -12.48 22.36 1.00
CA ASP A 397 -11.63 23.42 0.45
C ASP A 397 -10.32 22.85 -0.08
N MET A 398 -9.73 21.93 0.68
CA MET A 398 -8.44 21.36 0.31
C MET A 398 -8.52 20.49 -0.92
N LEU A 399 -9.58 19.71 -1.03
CA LEU A 399 -9.74 18.85 -2.20
C LEU A 399 -10.03 19.64 -3.47
N VAL A 400 -10.93 20.62 -3.39
CA VAL A 400 -11.16 21.49 -4.54
C VAL A 400 -9.86 22.19 -4.93
N GLY A 401 -9.11 22.60 -3.91
CA GLY A 401 -7.86 23.30 -4.12
C GLY A 401 -6.82 22.43 -4.80
N PHE A 402 -6.84 21.12 -4.55
CA PHE A 402 -5.90 20.19 -5.19
C PHE A 402 -6.18 20.17 -6.71
N PHE A 403 -7.45 20.04 -7.07
CA PHE A 403 -7.80 19.98 -8.49
C PHE A 403 -7.55 21.32 -9.15
N TYR A 404 -7.84 22.43 -8.44
CA TYR A 404 -7.48 23.73 -9.00
C TYR A 404 -5.96 23.91 -9.19
N PHE A 405 -5.17 23.52 -8.19
CA PHE A 405 -3.71 23.66 -8.24
C PHE A 405 -3.16 22.94 -9.46
N TYR A 406 -3.61 21.70 -9.68
CA TYR A 406 -3.03 20.94 -10.78
C TYR A 406 -3.63 21.28 -12.13
N SER A 407 -4.79 21.92 -12.13
CA SER A 407 -5.37 22.33 -13.40
C SER A 407 -4.85 23.71 -13.87
N PHE A 408 -4.51 24.61 -12.95
CA PHE A 408 -4.19 26.01 -13.31
C PHE A 408 -2.93 26.60 -12.74
N GLU A 409 -2.44 26.08 -11.62
CA GLU A 409 -1.31 26.73 -10.94
C GLU A 409 0.00 26.01 -11.18
N PHE A 410 0.00 24.70 -10.99
CA PHE A 410 1.25 23.94 -11.15
C PHE A 410 1.75 23.98 -12.59
N ASP A 411 3.05 24.22 -12.76
CA ASP A 411 3.63 24.32 -14.10
C ASP A 411 4.10 22.95 -14.56
N TRP A 412 3.19 22.21 -15.17
CA TRP A 412 3.52 20.86 -15.65
C TRP A 412 4.57 20.87 -16.73
N GLY A 413 4.69 21.99 -17.43
CA GLY A 413 5.60 22.06 -18.56
C GLY A 413 7.04 22.19 -18.14
N HIS A 414 7.28 22.86 -17.00
CA HIS A 414 8.65 23.18 -16.61
C HIS A 414 9.09 22.67 -15.24
N ASN A 415 8.13 22.28 -14.39
CA ASN A 415 8.46 21.90 -13.02
C ASN A 415 8.15 20.44 -12.71
N VAL A 416 8.61 20.00 -11.55
CA VAL A 416 8.49 18.61 -11.16
C VAL A 416 7.83 18.56 -9.80
N ILE A 417 6.87 17.66 -9.63
CA ILE A 417 6.26 17.40 -8.31
C ILE A 417 7.30 16.64 -7.50
N SER A 418 7.86 17.26 -6.46
CA SER A 418 8.96 16.65 -5.76
C SER A 418 8.97 17.01 -4.30
N LEU A 419 9.16 16.00 -3.45
CA LEU A 419 9.29 16.22 -2.01
C LEU A 419 10.76 16.21 -1.61
N ASN A 420 11.68 16.18 -2.58
CA ASN A 420 13.09 16.05 -2.21
C ASN A 420 13.73 17.36 -1.81
N ARG A 421 13.01 18.46 -2.03
CA ARG A 421 13.45 19.79 -1.58
C ARG A 421 12.20 20.59 -1.35
N PRO A 422 12.25 21.61 -0.48
CA PRO A 422 11.05 22.36 -0.10
C PRO A 422 10.57 23.38 -1.13
N GLY A 423 11.49 23.88 -1.94
CA GLY A 423 11.13 24.87 -2.94
C GLY A 423 10.74 24.23 -4.25
N ILE A 424 10.75 25.02 -5.32
CA ILE A 424 10.39 24.53 -6.64
C ILE A 424 11.53 23.68 -7.22
N THR A 425 11.16 22.52 -7.78
CA THR A 425 12.12 21.70 -8.54
C THR A 425 11.79 21.87 -10.03
N THR A 426 12.73 22.36 -10.82
CA THR A 426 12.49 22.46 -12.25
C THR A 426 12.92 21.16 -12.93
N LYS A 427 12.37 20.89 -14.11
CA LYS A 427 12.82 19.74 -14.89
C LYS A 427 14.32 19.79 -15.14
N ARG A 428 14.82 20.99 -15.46
CA ARG A 428 16.23 21.19 -15.75
C ARG A 428 17.10 20.79 -14.55
N MET A 429 16.61 21.01 -13.32
CA MET A 429 17.40 20.63 -12.14
C MET A 429 17.68 19.14 -12.13
N LEU A 430 16.73 18.31 -12.59
CA LEU A 430 16.91 16.86 -12.57
C LEU A 430 17.46 16.28 -13.87
N GLY A 431 17.60 17.14 -14.88
CA GLY A 431 18.03 16.72 -16.21
C GLY A 431 16.84 16.13 -16.96
N TRP A 432 15.64 16.52 -16.57
CA TRP A 432 14.41 16.00 -17.18
C TRP A 432 13.80 17.01 -18.17
N HIS A 433 14.59 18.00 -18.57
CA HIS A 433 14.12 19.03 -19.50
C HIS A 433 14.26 18.61 -20.96
N VAL A 434 14.92 17.48 -21.20
CA VAL A 434 15.11 16.93 -22.54
CA VAL A 434 15.04 16.92 -22.55
C VAL A 434 14.78 15.43 -22.49
N GLU A 435 14.05 14.90 -23.47
CA GLU A 435 13.85 13.46 -23.54
C GLU A 435 14.78 12.89 -24.60
N ASP A 436 15.18 11.64 -24.39
CA ASP A 436 15.93 10.87 -25.37
C ASP A 436 14.91 10.13 -26.26
N VAL A 437 14.63 10.68 -27.43
CA VAL A 437 13.60 10.13 -28.33
C VAL A 437 14.18 9.45 -29.57
N ARG A 456 7.84 5.18 -30.34
CA ARG A 456 8.85 4.56 -29.49
C ARG A 456 8.29 4.40 -28.08
N HIS A 457 9.13 3.96 -27.14
CA HIS A 457 8.78 4.02 -25.72
C HIS A 457 9.86 4.71 -24.93
N PRO A 458 10.02 6.03 -25.15
CA PRO A 458 11.06 6.74 -24.43
C PRO A 458 10.69 6.91 -22.95
N THR A 459 11.68 7.26 -22.14
CA THR A 459 11.35 7.73 -20.81
C THR A 459 10.77 9.11 -21.03
N ARG A 460 9.54 9.33 -20.57
CA ARG A 460 8.82 10.57 -20.86
C ARG A 460 8.97 11.51 -19.67
N TYR A 461 9.02 12.81 -19.97
CA TYR A 461 9.12 13.86 -18.95
C TYR A 461 8.05 14.90 -19.20
N GLU A 462 6.88 14.45 -19.64
CA GLU A 462 5.74 15.33 -19.83
C GLU A 462 5.13 15.72 -18.51
N LEU A 463 4.77 14.71 -17.73
CA LEU A 463 4.31 14.93 -16.36
C LEU A 463 5.36 14.35 -15.45
N CYS A 464 5.95 15.17 -14.59
CA CYS A 464 7.07 14.70 -13.79
C CYS A 464 6.80 14.67 -12.30
N ILE A 465 7.02 13.51 -11.68
CA ILE A 465 6.91 13.36 -10.24
C ILE A 465 8.19 12.63 -9.81
N GLU A 466 8.99 13.27 -8.96
CA GLU A 466 10.25 12.70 -8.54
C GLU A 466 10.01 11.64 -7.45
N ASP A 467 10.55 10.43 -7.63
CA ASP A 467 10.48 9.43 -6.56
C ASP A 467 11.38 9.88 -5.40
N PRO A 468 10.84 9.87 -4.17
CA PRO A 468 11.61 10.38 -3.03
C PRO A 468 12.95 9.68 -2.78
N TYR A 469 13.02 8.37 -2.99
CA TYR A 469 14.25 7.63 -2.63
C TYR A 469 15.02 7.01 -3.79
N GLU A 470 14.40 6.93 -4.95
CA GLU A 470 15.15 6.52 -6.14
C GLU A 470 15.51 7.71 -7.02
N GLU A 471 16.78 8.11 -7.05
CA GLU A 471 17.14 9.22 -7.93
C GLU A 471 16.99 8.86 -9.41
N ASN A 472 16.63 9.88 -10.17
CA ASN A 472 16.43 9.79 -11.59
C ASN A 472 15.33 8.87 -12.03
N LEU A 473 14.31 8.71 -11.17
CA LEU A 473 13.13 7.94 -11.54
C LEU A 473 11.91 8.86 -11.59
N ASN A 474 11.35 9.03 -12.77
CA ASN A 474 10.10 9.75 -12.94
C ASN A 474 8.93 8.82 -12.81
N LEU A 475 8.06 9.09 -11.84
CA LEU A 475 6.86 8.26 -11.68
C LEU A 475 5.92 8.43 -12.87
N GLY A 476 6.09 9.50 -13.65
CA GLY A 476 5.35 9.64 -14.88
C GLY A 476 6.07 9.24 -16.17
N ARG A 477 7.11 8.41 -16.05
CA ARG A 477 7.96 8.05 -17.17
C ARG A 477 7.29 7.37 -18.34
N HIS A 478 6.11 6.78 -18.14
CA HIS A 478 5.43 6.15 -19.28
C HIS A 478 4.32 7.02 -19.85
N ILE A 479 4.18 8.25 -19.35
CA ILE A 479 3.11 9.13 -19.78
C ILE A 479 3.56 10.08 -20.87
N GLY A 480 3.28 9.72 -22.13
CA GLY A 480 3.55 10.59 -23.25
C GLY A 480 2.45 11.64 -23.43
N VAL A 481 2.51 12.41 -24.50
CA VAL A 481 1.65 13.59 -24.62
C VAL A 481 0.15 13.28 -24.61
N THR A 482 -0.30 12.31 -25.42
CA THR A 482 -1.74 12.01 -25.42
C THR A 482 -2.16 11.44 -24.08
N LYS A 483 -1.34 10.58 -23.48
CA LYS A 483 -1.71 10.06 -22.16
C LYS A 483 -1.79 11.24 -21.17
N SER A 484 -0.90 12.22 -21.31
CA SER A 484 -0.85 13.32 -20.33
C SER A 484 -2.12 14.15 -20.42
N LEU A 485 -2.67 14.24 -21.63
CA LEU A 485 -3.87 15.06 -21.81
C LEU A 485 -5.09 14.30 -21.28
N ARG A 486 -5.04 12.96 -21.31
CA ARG A 486 -6.05 12.16 -20.61
C ARG A 486 -6.01 12.45 -19.11
N VAL A 487 -4.82 12.58 -18.54
CA VAL A 487 -4.69 12.92 -17.13
C VAL A 487 -5.23 14.33 -16.86
N ARG A 488 -4.80 15.30 -17.67
CA ARG A 488 -5.29 16.66 -17.49
C ARG A 488 -6.81 16.70 -17.60
N THR A 489 -7.40 15.93 -18.51
CA THR A 489 -8.86 15.86 -18.64
C THR A 489 -9.51 15.52 -17.31
N GLU A 490 -8.98 14.47 -16.67
CA GLU A 490 -9.55 14.03 -15.40
C GLU A 490 -9.36 15.04 -14.27
N LEU A 491 -8.27 15.80 -14.29
CA LEU A 491 -8.10 16.84 -13.26
C LEU A 491 -9.14 17.94 -13.46
N TYR A 492 -9.42 18.32 -14.71
CA TYR A 492 -10.47 19.32 -14.95
C TYR A 492 -11.81 18.76 -14.50
N ARG A 493 -12.06 17.47 -14.79
CA ARG A 493 -13.34 16.87 -14.47
C ARG A 493 -13.51 16.84 -12.95
N GLY A 494 -12.44 16.53 -12.21
CA GLY A 494 -12.54 16.52 -10.76
C GLY A 494 -12.87 17.90 -10.20
N LEU A 495 -12.21 18.93 -10.74
CA LEU A 495 -12.43 20.31 -10.31
C LEU A 495 -13.89 20.67 -10.48
N LEU A 496 -14.42 20.42 -11.67
CA LEU A 496 -15.79 20.81 -11.99
C LEU A 496 -16.79 20.05 -11.15
N SER A 497 -16.48 18.79 -10.84
CA SER A 497 -17.45 17.94 -10.13
C SER A 497 -17.63 18.38 -8.67
N LEU A 498 -16.60 18.96 -8.09
CA LEU A 498 -16.66 19.31 -6.66
C LEU A 498 -17.42 20.62 -6.45
N LEU A 499 -17.72 21.32 -7.54
CA LEU A 499 -18.51 22.54 -7.44
C LEU A 499 -19.99 22.27 -7.58
N LYS A 500 -20.35 21.02 -7.81
CA LYS A 500 -21.73 20.69 -8.12
C LYS A 500 -22.26 19.57 -7.24
N GLU A 501 -23.58 19.39 -7.23
CA GLU A 501 -24.16 18.18 -6.67
C GLU A 501 -23.76 16.93 -7.48
N CYS A 507 -20.90 9.84 -11.33
CA CYS A 507 -20.00 10.60 -10.44
C CYS A 507 -18.66 9.88 -10.28
N VAL A 508 -17.56 10.59 -10.53
CA VAL A 508 -16.23 10.01 -10.40
C VAL A 508 -15.88 9.70 -8.95
N PHE A 509 -16.60 10.32 -8.00
CA PHE A 509 -16.30 10.11 -6.59
C PHE A 509 -17.26 9.09 -5.91
N ALA A 510 -18.25 8.59 -6.66
CA ALA A 510 -19.21 7.62 -6.13
C ALA A 510 -18.54 6.33 -5.65
N ALA A 511 -19.01 5.81 -4.52
CA ALA A 511 -18.49 4.56 -3.96
C ALA A 511 -18.67 3.39 -4.93
ZN ZN B . 0.72 11.62 -33.18
S SO4 C . 9.94 0.38 -15.75
O1 SO4 C . 10.70 -0.03 -14.57
O2 SO4 C . 10.12 -0.60 -16.82
O3 SO4 C . 10.41 1.69 -16.20
O4 SO4 C . 8.51 0.45 -15.38
CL CL D . -0.54 0.91 -7.29
S SO4 E . -18.56 15.12 -18.32
O1 SO4 E . -18.00 14.36 -19.43
O2 SO4 E . -17.57 15.24 -17.24
O3 SO4 E . -19.75 14.43 -17.82
O4 SO4 E . -18.93 16.46 -18.81
#